data_2MPA
#
_entry.id   2MPA
#
_cell.length_a   55.680
_cell.length_b   69.100
_cell.length_c   72.950
_cell.angle_alpha   90.00
_cell.angle_beta   112.01
_cell.angle_gamma   90.00
#
_symmetry.space_group_name_H-M   'P 1 21 1'
#
loop_
_entity.id
_entity.type
_entity.pdbx_description
1 polymer 'MN12H2 IGG2A-KAPPA, light chain'
2 polymer 'MN12H2 IGG2A-KAPPA,heavy chain'
3 polymer 'CONJUGATE OF PORA P1.16 PEPTIDE WITH FLUORESCEIN'
4 non-polymer 'CADMIUM ION'
5 water water
#
loop_
_entity_poly.entity_id
_entity_poly.type
_entity_poly.pdbx_seq_one_letter_code
_entity_poly.pdbx_strand_id
1 'polypeptide(L)'
;DIVMTQTPLSLPVSLGDKASISCRSSQALVHSNGNTYLHWYLQKPGQSPKLLIYKVSNRFSGVPDRFSGSGSGTDFTLKI
SRVEAEDLGVFFCSQSTHVPRTFGGGTKLEIKRADAAPTVSIFPPSSEQLTSGGASVVCFLNNFYPKDINVKWKIDGSER
QNGVLNSWTDQDSKDSTYSMSSTLTLTKDEYERHNSYTCEATHKTSTSPIVKSFNRNEC
;
L
2 'polypeptide(L)'
;EVNLQQSGTVLARPGASVRMSCKASGYSFTSYWLHWIKQRPGQGLEWIGGIYPGNRDTRYTQRFKDKAKLTAVTSANTAY
MELSSLTNEDSAVYYCSIIYFDYADFIMDYWGQGTTVTVSSAKTTAPSVYPLAPVCGDTTGSSVTLGCLVKGYFPEPVTL
TWNSGSLSSGVHTFPAVLQSDLYTLSSSVTVTSSTWPSQSITCNVAHPASSTKVDKKIEPRGPTI
;
H
3 'polypeptide(L)' (THC)KDTNNNL(CYF) P
#
loop_
_chem_comp.id
_chem_comp.type
_chem_comp.name
_chem_comp.formula
CD non-polymer 'CADMIUM ION' 'Cd 2'
#
# COMPACT_ATOMS: atom_id res chain seq x y z
N ASP A 1 -6.82 20.49 19.37
CA ASP A 1 -6.54 19.09 18.94
C ASP A 1 -5.96 18.26 20.07
N ILE A 2 -6.76 17.41 20.69
CA ILE A 2 -6.24 16.57 21.75
C ILE A 2 -5.32 15.56 21.08
N VAL A 3 -4.03 15.64 21.43
CA VAL A 3 -2.99 14.79 20.88
C VAL A 3 -2.95 13.36 21.41
N MET A 4 -2.72 12.42 20.50
CA MET A 4 -2.65 11.00 20.82
C MET A 4 -1.21 10.61 20.56
N THR A 5 -0.57 9.99 21.55
CA THR A 5 0.81 9.55 21.43
C THR A 5 0.86 8.05 21.66
N GLN A 6 1.36 7.32 20.67
CA GLN A 6 1.45 5.87 20.77
C GLN A 6 2.88 5.47 21.01
N THR A 7 3.08 4.39 21.74
CA THR A 7 4.41 3.92 21.99
C THR A 7 4.41 2.42 22.24
N PRO A 8 5.36 1.69 21.64
CA PRO A 8 6.43 2.13 20.74
C PRO A 8 5.90 2.44 19.33
N LEU A 9 6.78 2.95 18.47
CA LEU A 9 6.41 3.27 17.09
C LEU A 9 6.59 2.06 16.18
N SER A 10 7.51 1.19 16.56
CA SER A 10 7.77 -0.02 15.78
C SER A 10 7.76 -1.17 16.79
N LEU A 11 7.16 -2.28 16.43
CA LEU A 11 7.09 -3.38 17.38
C LEU A 11 7.52 -4.75 16.86
N PRO A 12 8.80 -5.09 17.03
CA PRO A 12 9.36 -6.36 16.59
C PRO A 12 8.82 -7.46 17.51
N VAL A 13 8.24 -8.50 16.92
CA VAL A 13 7.66 -9.61 17.69
C VAL A 13 7.83 -10.91 16.90
N SER A 14 7.74 -12.03 17.60
CA SER A 14 7.84 -13.35 16.95
C SER A 14 6.49 -13.99 17.09
N LEU A 15 6.10 -14.81 16.11
CA LEU A 15 4.80 -15.48 16.16
C LEU A 15 4.58 -16.18 17.50
N GLY A 16 3.39 -16.01 18.06
CA GLY A 16 3.08 -16.64 19.33
C GLY A 16 3.27 -15.71 20.51
N ASP A 17 4.26 -14.82 20.42
CA ASP A 17 4.51 -13.88 21.50
C ASP A 17 3.32 -12.99 21.79
N LYS A 18 3.47 -12.19 22.84
CA LYS A 18 2.44 -11.28 23.28
C LYS A 18 2.98 -9.90 22.94
N ALA A 19 2.09 -8.93 22.71
CA ALA A 19 2.52 -7.57 22.36
C ALA A 19 1.69 -6.54 23.10
N SER A 20 2.18 -5.31 23.15
CA SER A 20 1.46 -4.23 23.83
C SER A 20 1.73 -2.86 23.23
N ILE A 21 0.66 -2.12 23.02
CA ILE A 21 0.79 -0.79 22.48
C ILE A 21 0.19 0.18 23.49
N SER A 22 0.93 1.24 23.78
CA SER A 22 0.46 2.23 24.73
C SER A 22 -0.05 3.45 23.99
N CYS A 23 -1.19 3.98 24.42
CA CYS A 23 -1.75 5.17 23.79
C CYS A 23 -2.09 6.18 24.85
N ARG A 24 -1.58 7.40 24.67
CA ARG A 24 -1.86 8.45 25.65
C ARG A 24 -2.38 9.71 24.98
N SER A 25 -3.28 10.41 25.67
CA SER A 25 -3.86 11.62 25.11
C SER A 25 -3.56 12.86 25.95
N SER A 26 -3.43 14.01 25.29
CA SER A 26 -3.15 15.25 26.00
C SER A 26 -4.26 15.62 26.97
N GLN A 27 -5.50 15.20 26.70
CA GLN A 27 -6.56 15.48 27.66
C GLN A 27 -7.55 14.33 27.86
N ALA A 28 -8.29 14.36 28.95
CA ALA A 28 -9.25 13.32 29.25
C ALA A 28 -10.16 12.98 28.07
N LEU A 29 -10.55 11.73 27.98
CA LEU A 29 -11.41 11.34 26.88
C LEU A 29 -12.77 10.86 27.39
N VAL A 30 -13.16 11.33 28.58
CA VAL A 30 -14.45 10.98 29.17
C VAL A 30 -15.46 12.05 28.76
N HIS A 31 -16.35 11.69 27.86
CA HIS A 31 -17.37 12.57 27.34
C HIS A 31 -18.39 12.90 28.41
N SER A 32 -19.09 14.03 28.25
CA SER A 32 -20.07 14.43 29.24
C SER A 32 -21.23 13.44 29.35
N ASN A 33 -21.48 12.66 28.30
CA ASN A 33 -22.57 11.70 28.34
C ASN A 33 -22.19 10.54 29.25
N GLY A 34 -20.91 10.47 29.61
CA GLY A 34 -20.44 9.41 30.48
C GLY A 34 -19.54 8.34 29.88
N ASN A 35 -19.52 8.21 28.56
CA ASN A 35 -18.70 7.20 27.92
C ASN A 35 -17.33 7.71 27.56
N THR A 36 -16.44 6.78 27.23
CA THR A 36 -15.06 7.11 26.84
C THR A 36 -14.85 6.54 25.45
N TYR A 37 -14.80 7.43 24.47
CA TYR A 37 -14.67 7.04 23.09
C TYR A 37 -13.25 6.92 22.58
N LEU A 38 -12.57 5.88 23.05
CA LEU A 38 -11.19 5.61 22.62
C LEU A 38 -11.28 4.35 21.81
N HIS A 39 -10.68 4.35 20.63
CA HIS A 39 -10.75 3.19 19.75
C HIS A 39 -9.39 2.81 19.20
N TRP A 40 -9.31 1.60 18.65
CA TRP A 40 -8.09 1.08 18.06
C TRP A 40 -8.38 0.53 16.66
N TYR A 41 -7.56 0.94 15.71
CA TYR A 41 -7.69 0.51 14.33
C TYR A 41 -6.45 -0.23 13.86
N LEU A 42 -6.59 -0.98 12.76
CA LEU A 42 -5.49 -1.73 12.17
C LEU A 42 -5.56 -1.43 10.68
N GLN A 43 -4.46 -1.05 10.08
CA GLN A 43 -4.50 -0.73 8.67
C GLN A 43 -3.47 -1.54 7.91
N LYS A 44 -3.93 -2.46 7.07
CA LYS A 44 -3.05 -3.27 6.23
C LYS A 44 -2.61 -2.31 5.14
N PRO A 45 -1.43 -2.52 4.55
CA PRO A 45 -0.96 -1.63 3.50
C PRO A 45 -1.88 -1.72 2.27
N GLY A 46 -2.39 -0.58 1.84
CA GLY A 46 -3.26 -0.58 0.68
C GLY A 46 -4.74 -0.58 0.98
N GLN A 47 -5.12 -0.63 2.25
CA GLN A 47 -6.52 -0.62 2.60
C GLN A 47 -6.88 0.48 3.59
N SER A 48 -8.17 0.67 3.85
CA SER A 48 -8.60 1.67 4.79
C SER A 48 -8.52 1.05 6.18
N PRO A 49 -8.40 1.89 7.23
CA PRO A 49 -8.31 1.38 8.60
C PRO A 49 -9.52 0.54 8.93
N LYS A 50 -9.33 -0.46 9.77
CA LYS A 50 -10.39 -1.38 10.18
C LYS A 50 -10.49 -1.34 11.71
N LEU A 51 -11.70 -1.17 12.21
CA LEU A 51 -11.94 -1.10 13.64
C LEU A 51 -11.74 -2.45 14.31
N LEU A 52 -11.09 -2.42 15.47
CA LEU A 52 -10.82 -3.62 16.25
C LEU A 52 -11.55 -3.51 17.57
N ILE A 53 -11.34 -2.38 18.25
CA ILE A 53 -11.94 -2.16 19.55
C ILE A 53 -12.48 -0.74 19.70
N TYR A 54 -13.74 -0.61 20.09
CA TYR A 54 -14.32 0.71 20.27
C TYR A 54 -14.60 0.92 21.74
N LYS A 55 -14.70 2.19 22.14
CA LYS A 55 -14.93 2.56 23.54
C LYS A 55 -14.05 1.80 24.51
N VAL A 56 -12.74 1.97 24.28
CA VAL A 56 -11.66 1.36 25.05
C VAL A 56 -11.59 -0.15 25.17
N SER A 57 -12.69 -0.84 25.46
CA SER A 57 -12.61 -2.28 25.64
C SER A 57 -13.55 -3.18 24.86
N ASN A 58 -14.30 -2.63 23.91
CA ASN A 58 -15.25 -3.43 23.13
C ASN A 58 -14.73 -3.94 21.81
N ARG A 59 -14.73 -5.25 21.66
CA ARG A 59 -14.25 -5.86 20.44
C ARG A 59 -15.34 -5.73 19.36
N PHE A 60 -14.96 -5.28 18.17
CA PHE A 60 -15.90 -5.10 17.08
C PHE A 60 -16.18 -6.46 16.46
N SER A 61 -17.34 -6.58 15.82
CA SER A 61 -17.75 -7.83 15.18
C SER A 61 -16.67 -8.47 14.33
N GLY A 62 -16.41 -9.75 14.61
CA GLY A 62 -15.41 -10.48 13.86
C GLY A 62 -13.96 -10.29 14.26
N VAL A 63 -13.71 -9.57 15.35
CA VAL A 63 -12.32 -9.38 15.77
C VAL A 63 -11.96 -10.51 16.73
N PRO A 64 -10.79 -11.13 16.53
CA PRO A 64 -10.30 -12.22 17.39
C PRO A 64 -10.23 -11.84 18.85
N ASP A 65 -10.42 -12.81 19.73
CA ASP A 65 -10.37 -12.62 21.18
C ASP A 65 -8.93 -12.33 21.65
N ARG A 66 -7.96 -12.59 20.78
CA ARG A 66 -6.56 -12.34 21.09
C ARG A 66 -6.35 -10.86 21.40
N PHE A 67 -7.28 -10.03 20.94
CA PHE A 67 -7.21 -8.58 21.14
C PHE A 67 -8.05 -8.11 22.32
N SER A 68 -7.44 -7.27 23.16
CA SER A 68 -8.11 -6.72 24.33
C SER A 68 -7.76 -5.25 24.45
N GLY A 69 -8.58 -4.51 25.17
CA GLY A 69 -8.35 -3.08 25.38
C GLY A 69 -8.62 -2.66 26.81
N SER A 70 -7.75 -1.79 27.33
CA SER A 70 -7.85 -1.25 28.69
C SER A 70 -7.42 0.20 28.68
N GLY A 71 -7.76 0.91 29.76
CA GLY A 71 -7.38 2.29 29.84
C GLY A 71 -8.36 3.09 30.66
N SER A 72 -7.95 4.29 31.04
CA SER A 72 -8.78 5.18 31.84
C SER A 72 -8.25 6.59 31.74
N GLY A 73 -9.18 7.55 31.62
CA GLY A 73 -8.80 8.94 31.52
C GLY A 73 -7.91 9.29 30.34
N THR A 74 -6.61 9.18 30.55
CA THR A 74 -5.62 9.54 29.54
C THR A 74 -4.69 8.41 29.11
N ASP A 75 -4.69 7.34 29.90
CA ASP A 75 -3.79 6.21 29.68
C ASP A 75 -4.53 4.96 29.15
N PHE A 76 -4.15 4.50 27.96
CA PHE A 76 -4.80 3.36 27.35
C PHE A 76 -3.85 2.32 26.78
N THR A 77 -4.28 1.06 26.82
CA THR A 77 -3.47 -0.05 26.33
C THR A 77 -4.21 -1.01 25.41
N LEU A 78 -3.55 -1.43 24.33
CA LEU A 78 -4.10 -2.41 23.40
C LEU A 78 -3.23 -3.62 23.64
N LYS A 79 -3.83 -4.80 23.69
CA LYS A 79 -3.04 -5.99 23.94
C LYS A 79 -3.33 -7.10 22.94
N ILE A 80 -2.26 -7.68 22.41
CA ILE A 80 -2.38 -8.79 21.48
C ILE A 80 -1.83 -9.97 22.30
N SER A 81 -2.73 -10.77 22.88
CA SER A 81 -2.30 -11.89 23.71
C SER A 81 -1.45 -12.89 22.96
N ARG A 82 -1.70 -13.01 21.67
CA ARG A 82 -0.99 -13.96 20.84
C ARG A 82 -0.89 -13.37 19.43
N VAL A 83 0.33 -13.22 18.91
CA VAL A 83 0.52 -12.65 17.59
C VAL A 83 0.62 -13.63 16.43
N GLU A 84 -0.40 -13.65 15.57
CA GLU A 84 -0.39 -14.51 14.40
C GLU A 84 0.26 -13.74 13.25
N ALA A 85 0.20 -14.29 12.04
CA ALA A 85 0.80 -13.62 10.90
C ALA A 85 -0.13 -12.63 10.21
N GLU A 86 -1.40 -12.61 10.64
CA GLU A 86 -2.39 -11.69 10.05
C GLU A 86 -2.23 -10.30 10.65
N ASP A 87 -1.80 -10.25 11.91
CA ASP A 87 -1.62 -9.01 12.66
C ASP A 87 -0.58 -8.07 12.07
N LEU A 88 -0.29 -8.23 10.80
CA LEU A 88 0.70 -7.41 10.11
C LEU A 88 0.06 -6.11 9.60
N GLY A 89 0.63 -4.97 9.99
CA GLY A 89 0.09 -3.69 9.57
C GLY A 89 0.43 -2.62 10.60
N VAL A 90 -0.32 -1.52 10.61
CA VAL A 90 -0.07 -0.45 11.57
C VAL A 90 -1.32 -0.26 12.43
N PHE A 91 -1.13 -0.19 13.75
CA PHE A 91 -2.24 -0.02 14.68
C PHE A 91 -2.35 1.44 15.11
N PHE A 92 -3.56 1.97 15.10
CA PHE A 92 -3.84 3.35 15.47
C PHE A 92 -4.84 3.43 16.60
N CYS A 93 -4.55 4.20 17.63
CA CYS A 93 -5.55 4.38 18.66
C CYS A 93 -6.22 5.67 18.19
N SER A 94 -7.46 5.90 18.60
CA SER A 94 -8.12 7.09 18.14
C SER A 94 -9.12 7.59 19.15
N GLN A 95 -9.37 8.90 19.09
CA GLN A 95 -10.30 9.54 20.01
C GLN A 95 -11.46 10.19 19.27
N SER A 96 -12.65 10.09 19.83
CA SER A 96 -13.81 10.71 19.20
C SER A 96 -14.73 11.32 20.25
N THR A 97 -14.20 11.72 21.41
CA THR A 97 -15.08 12.32 22.40
C THR A 97 -14.97 13.84 22.29
N HIS A 98 -13.97 14.31 21.55
CA HIS A 98 -13.75 15.73 21.35
C HIS A 98 -13.69 16.04 19.84
N VAL A 99 -13.90 17.30 19.48
CA VAL A 99 -13.84 17.71 18.09
C VAL A 99 -12.63 18.61 17.89
N PRO A 100 -11.77 18.28 16.91
CA PRO A 100 -11.85 17.15 15.99
C PRO A 100 -11.48 15.76 16.54
N ARG A 101 -11.90 14.74 15.80
CA ARG A 101 -11.61 13.36 16.12
C ARG A 101 -10.17 13.18 15.67
N THR A 102 -9.32 12.68 16.56
CA THR A 102 -7.89 12.49 16.22
C THR A 102 -7.35 11.06 16.30
N PHE A 103 -6.23 10.85 15.60
CA PHE A 103 -5.57 9.56 15.56
C PHE A 103 -4.11 9.65 16.01
N GLY A 104 -3.58 8.53 16.52
CA GLY A 104 -2.19 8.53 16.92
C GLY A 104 -1.29 8.30 15.71
N GLY A 105 0.02 8.45 15.89
CA GLY A 105 0.93 8.27 14.79
C GLY A 105 0.97 6.84 14.28
N GLY A 106 0.59 5.90 15.14
CA GLY A 106 0.59 4.49 14.74
C GLY A 106 1.78 3.66 15.17
N THR A 107 1.57 2.35 15.24
CA THR A 107 2.63 1.41 15.63
C THR A 107 2.71 0.30 14.60
N LYS A 108 3.82 0.23 13.89
CA LYS A 108 3.98 -0.81 12.89
C LYS A 108 4.53 -2.05 13.56
N LEU A 109 3.77 -3.14 13.48
CA LEU A 109 4.17 -4.40 14.07
C LEU A 109 4.92 -5.26 13.06
N GLU A 110 6.18 -5.53 13.37
CA GLU A 110 7.07 -6.32 12.52
C GLU A 110 7.27 -7.71 13.12
N ILE A 111 7.28 -8.73 12.27
CA ILE A 111 7.47 -10.10 12.72
C ILE A 111 8.93 -10.56 12.62
N LYS A 112 9.39 -11.33 13.61
CA LYS A 112 10.75 -11.89 13.57
C LYS A 112 10.55 -13.36 13.23
N ARG A 113 11.38 -13.90 12.35
CA ARG A 113 11.25 -15.31 12.00
C ARG A 113 12.64 -15.90 11.90
N ALA A 114 12.72 -17.11 11.34
CA ALA A 114 14.00 -17.77 11.15
C ALA A 114 14.61 -17.13 9.92
N ASP A 115 15.90 -16.84 9.95
CA ASP A 115 16.54 -16.21 8.80
C ASP A 115 16.36 -17.09 7.56
N ALA A 116 16.29 -16.45 6.40
CA ALA A 116 16.13 -17.17 5.15
C ALA A 116 16.90 -16.48 4.03
N ALA A 117 17.72 -17.25 3.32
CA ALA A 117 18.51 -16.72 2.22
C ALA A 117 17.63 -16.45 1.02
N PRO A 118 17.94 -15.39 0.28
CA PRO A 118 17.19 -14.96 -0.91
C PRO A 118 17.36 -15.84 -2.15
N THR A 119 16.33 -15.91 -2.98
CA THR A 119 16.41 -16.67 -4.22
C THR A 119 16.59 -15.60 -5.29
N VAL A 120 17.77 -15.57 -5.90
CA VAL A 120 18.10 -14.56 -6.90
C VAL A 120 17.97 -15.05 -8.34
N SER A 121 17.43 -14.18 -9.19
CA SER A 121 17.24 -14.49 -10.61
C SER A 121 17.72 -13.31 -11.42
N ILE A 122 18.33 -13.57 -12.56
CA ILE A 122 18.83 -12.50 -13.42
C ILE A 122 18.11 -12.55 -14.78
N PHE A 123 17.75 -11.39 -15.31
CA PHE A 123 17.03 -11.32 -16.58
C PHE A 123 17.64 -10.32 -17.56
N PRO A 124 18.14 -10.81 -18.71
CA PRO A 124 18.74 -9.95 -19.73
C PRO A 124 17.63 -9.12 -20.36
N PRO A 125 17.97 -7.99 -21.01
CA PRO A 125 16.93 -7.17 -21.63
C PRO A 125 16.16 -7.99 -22.66
N SER A 126 14.85 -7.75 -22.78
CA SER A 126 14.07 -8.48 -23.76
C SER A 126 14.43 -7.79 -25.07
N SER A 127 13.96 -8.32 -26.19
CA SER A 127 14.27 -7.73 -27.47
C SER A 127 13.28 -6.60 -27.77
N GLU A 128 12.12 -6.67 -27.15
CA GLU A 128 11.10 -5.66 -27.36
C GLU A 128 11.58 -4.30 -26.86
N GLN A 129 12.32 -4.31 -25.75
CA GLN A 129 12.87 -3.08 -25.19
C GLN A 129 14.10 -2.67 -25.98
N LEU A 130 14.90 -3.66 -26.40
CA LEU A 130 16.12 -3.40 -27.17
C LEU A 130 15.85 -2.55 -28.40
N THR A 131 14.76 -2.84 -29.09
CA THR A 131 14.37 -2.10 -30.28
C THR A 131 14.20 -0.61 -30.02
N SER A 132 13.81 -0.27 -28.79
CA SER A 132 13.59 1.12 -28.40
C SER A 132 14.92 1.81 -28.06
N GLY A 133 16.02 1.07 -28.17
CA GLY A 133 17.32 1.65 -27.86
C GLY A 133 17.78 1.51 -26.42
N GLY A 134 16.84 1.16 -25.53
CA GLY A 134 17.17 0.98 -24.13
C GLY A 134 17.34 -0.47 -23.76
N ALA A 135 17.89 -0.73 -22.58
CA ALA A 135 18.08 -2.09 -22.11
C ALA A 135 18.09 -2.20 -20.59
N SER A 136 16.96 -2.61 -20.02
CA SER A 136 16.86 -2.76 -18.58
C SER A 136 17.20 -4.19 -18.16
N VAL A 137 18.17 -4.33 -17.27
CA VAL A 137 18.58 -5.63 -16.76
C VAL A 137 17.99 -5.74 -15.36
N VAL A 138 17.11 -6.72 -15.18
CA VAL A 138 16.42 -6.91 -13.90
C VAL A 138 16.95 -8.06 -13.06
N CYS A 139 16.83 -7.90 -11.74
CA CYS A 139 17.27 -8.91 -10.78
C CYS A 139 16.26 -9.09 -9.64
N PHE A 140 15.70 -10.29 -9.51
CA PHE A 140 14.75 -10.52 -8.42
C PHE A 140 15.43 -11.24 -7.25
N LEU A 141 15.18 -10.76 -6.04
CA LEU A 141 15.71 -11.36 -4.83
C LEU A 141 14.52 -11.61 -3.90
N ASN A 142 13.83 -12.71 -4.16
CA ASN A 142 12.63 -13.05 -3.42
C ASN A 142 12.77 -13.86 -2.13
N ASN A 143 11.76 -13.73 -1.28
CA ASN A 143 11.63 -14.40 0.01
C ASN A 143 12.88 -14.55 0.92
N PHE A 144 13.37 -13.44 1.47
CA PHE A 144 14.51 -13.52 2.37
C PHE A 144 14.22 -12.90 3.74
N TYR A 145 15.07 -13.20 4.70
CA TYR A 145 14.92 -12.66 6.06
C TYR A 145 16.25 -12.76 6.82
N PRO A 146 16.58 -11.73 7.61
CA PRO A 146 15.82 -10.51 7.86
C PRO A 146 15.79 -9.56 6.65
N LYS A 147 15.11 -8.44 6.84
CA LYS A 147 14.93 -7.43 5.81
C LYS A 147 16.19 -6.77 5.31
N ASP A 148 17.26 -6.80 6.09
CA ASP A 148 18.50 -6.17 5.68
C ASP A 148 19.20 -6.87 4.54
N ILE A 149 19.54 -6.11 3.51
CA ILE A 149 20.24 -6.66 2.35
C ILE A 149 20.71 -5.51 1.48
N ASN A 150 21.62 -5.81 0.57
CA ASN A 150 22.17 -4.82 -0.35
C ASN A 150 22.61 -5.53 -1.63
N VAL A 151 21.98 -5.13 -2.75
CA VAL A 151 22.30 -5.70 -4.04
C VAL A 151 23.42 -4.93 -4.69
N LYS A 152 24.13 -5.57 -5.61
CA LYS A 152 25.25 -4.93 -6.27
C LYS A 152 25.40 -5.41 -7.70
N TRP A 153 25.52 -4.46 -8.62
CA TRP A 153 25.69 -4.79 -10.04
C TRP A 153 27.13 -4.58 -10.50
N LYS A 154 27.72 -5.60 -11.09
CA LYS A 154 29.08 -5.46 -11.60
C LYS A 154 29.09 -5.79 -13.09
N ILE A 155 29.42 -4.81 -13.91
CA ILE A 155 29.49 -5.01 -15.35
C ILE A 155 30.96 -5.26 -15.70
N ASP A 156 31.25 -6.43 -16.23
CA ASP A 156 32.63 -6.78 -16.58
C ASP A 156 33.57 -6.64 -15.40
N GLY A 157 33.03 -6.79 -14.19
CA GLY A 157 33.85 -6.70 -13.01
C GLY A 157 33.59 -5.53 -12.09
N SER A 158 33.55 -4.32 -12.62
CA SER A 158 33.33 -3.13 -11.79
C SER A 158 31.90 -2.88 -11.35
N GLU A 159 31.77 -2.24 -10.19
CA GLU A 159 30.46 -1.92 -9.63
C GLU A 159 29.82 -0.81 -10.44
N ARG A 160 28.49 -0.74 -10.38
CA ARG A 160 27.73 0.24 -11.14
C ARG A 160 26.54 0.72 -10.34
N GLN A 161 26.70 1.85 -9.65
CA GLN A 161 25.61 2.40 -8.83
C GLN A 161 24.69 3.31 -9.64
N ASN A 162 25.24 3.89 -10.70
CA ASN A 162 24.52 4.80 -11.58
C ASN A 162 23.45 4.11 -12.44
N GLY A 163 22.18 4.47 -12.23
CA GLY A 163 21.10 3.91 -13.01
C GLY A 163 20.41 2.66 -12.45
N VAL A 164 20.19 2.63 -11.15
CA VAL A 164 19.55 1.49 -10.51
C VAL A 164 18.27 1.87 -9.75
N LEU A 165 17.21 1.10 -9.96
CA LEU A 165 15.91 1.27 -9.31
C LEU A 165 15.63 0.07 -8.40
N ASN A 166 15.52 0.31 -7.11
CA ASN A 166 15.24 -0.76 -6.18
C ASN A 166 13.87 -0.53 -5.58
N SER A 167 13.13 -1.62 -5.41
CA SER A 167 11.80 -1.55 -4.84
C SER A 167 11.63 -2.73 -3.90
N TRP A 168 11.00 -2.49 -2.75
CA TRP A 168 10.80 -3.57 -1.77
C TRP A 168 9.32 -3.83 -1.58
N THR A 169 9.01 -4.96 -0.94
CA THR A 169 7.62 -5.30 -0.66
C THR A 169 7.48 -5.32 0.84
N ASP A 170 6.26 -5.19 1.34
CA ASP A 170 6.02 -5.22 2.78
C ASP A 170 6.31 -6.62 3.26
N GLN A 171 6.48 -6.80 4.56
CA GLN A 171 6.72 -8.13 5.09
C GLN A 171 5.53 -8.99 4.65
N ASP A 172 5.82 -10.11 4.02
CA ASP A 172 4.80 -11.02 3.52
C ASP A 172 3.86 -11.50 4.63
N SER A 173 2.58 -11.57 4.31
CA SER A 173 1.57 -12.01 5.26
C SER A 173 1.57 -13.54 5.40
N LYS A 174 2.36 -14.20 4.58
CA LYS A 174 2.47 -15.65 4.59
C LYS A 174 3.85 -16.07 5.11
N ASP A 175 4.90 -15.78 4.33
CA ASP A 175 6.28 -16.10 4.68
C ASP A 175 6.83 -15.25 5.82
N SER A 176 6.37 -14.00 5.89
CA SER A 176 6.86 -13.04 6.88
C SER A 176 8.26 -12.68 6.43
N THR A 177 8.49 -12.90 5.14
CA THR A 177 9.77 -12.59 4.51
C THR A 177 9.61 -11.33 3.64
N TYR A 178 10.68 -10.93 2.98
CA TYR A 178 10.64 -9.77 2.12
C TYR A 178 11.19 -10.15 0.76
N SER A 179 10.96 -9.27 -0.22
CA SER A 179 11.45 -9.45 -1.57
C SER A 179 11.83 -8.08 -2.12
N MET A 180 12.58 -8.07 -3.20
CA MET A 180 12.94 -6.82 -3.81
C MET A 180 13.39 -7.10 -5.23
N SER A 181 13.27 -6.09 -6.07
CA SER A 181 13.69 -6.20 -7.46
C SER A 181 14.58 -5.03 -7.80
N SER A 182 15.80 -5.33 -8.24
CA SER A 182 16.74 -4.29 -8.60
C SER A 182 16.79 -4.23 -10.13
N THR A 183 16.58 -3.05 -10.69
CA THR A 183 16.61 -2.89 -12.14
C THR A 183 17.69 -1.93 -12.61
N LEU A 184 18.67 -2.48 -13.32
CA LEU A 184 19.77 -1.71 -13.87
C LEU A 184 19.46 -1.35 -15.32
N THR A 185 19.42 -0.06 -15.65
CA THR A 185 19.16 0.30 -17.03
C THR A 185 20.39 0.91 -17.66
N LEU A 186 20.45 0.80 -18.99
CA LEU A 186 21.55 1.31 -19.80
C LEU A 186 20.95 1.67 -21.15
N THR A 187 21.81 1.86 -22.14
CA THR A 187 21.37 2.17 -23.50
C THR A 187 21.82 0.97 -24.31
N LYS A 188 21.04 0.58 -25.31
CA LYS A 188 21.42 -0.53 -26.14
C LYS A 188 22.93 -0.51 -26.38
N ASP A 189 23.42 0.66 -26.80
CA ASP A 189 24.84 0.85 -27.10
C ASP A 189 25.76 0.45 -25.97
N GLU A 190 25.45 0.88 -24.76
CA GLU A 190 26.28 0.58 -23.58
C GLU A 190 26.21 -0.91 -23.24
N TYR A 191 25.00 -1.48 -23.33
CA TYR A 191 24.78 -2.89 -23.05
C TYR A 191 25.57 -3.72 -24.07
N GLU A 192 25.58 -3.27 -25.32
CA GLU A 192 26.29 -3.96 -26.39
C GLU A 192 27.78 -4.11 -26.10
N ARG A 193 28.39 -3.10 -25.49
CA ARG A 193 29.84 -3.12 -25.24
C ARG A 193 30.42 -3.94 -24.09
N HIS A 194 29.61 -4.78 -23.44
CA HIS A 194 30.11 -5.61 -22.35
C HIS A 194 29.56 -7.03 -22.44
N ASN A 195 30.18 -7.96 -21.71
CA ASN A 195 29.72 -9.33 -21.76
C ASN A 195 29.24 -9.89 -20.42
N SER A 196 29.91 -9.56 -19.34
CA SER A 196 29.52 -10.04 -18.02
C SER A 196 28.60 -9.07 -17.29
N TYR A 197 27.51 -9.61 -16.72
CA TYR A 197 26.54 -8.83 -15.96
C TYR A 197 26.25 -9.60 -14.69
N THR A 198 26.52 -8.96 -13.57
CA THR A 198 26.33 -9.60 -12.28
C THR A 198 25.44 -8.87 -11.29
N CYS A 199 24.66 -9.66 -10.57
CA CYS A 199 23.78 -9.14 -9.55
C CYS A 199 24.27 -9.91 -8.33
N GLU A 200 24.94 -9.24 -7.41
CA GLU A 200 25.41 -9.92 -6.22
C GLU A 200 24.86 -9.15 -5.04
N ALA A 201 24.43 -9.87 -4.00
CA ALA A 201 23.90 -9.20 -2.83
C ALA A 201 24.42 -9.90 -1.62
N THR A 202 24.81 -9.11 -0.61
CA THR A 202 25.30 -9.69 0.62
C THR A 202 24.14 -9.72 1.60
N HIS A 203 23.91 -10.89 2.19
CA HIS A 203 22.82 -11.06 3.13
C HIS A 203 23.27 -11.91 4.33
N LYS A 204 22.64 -11.66 5.48
CA LYS A 204 22.97 -12.38 6.69
C LYS A 204 23.19 -13.87 6.47
N THR A 205 22.31 -14.49 5.70
CA THR A 205 22.37 -15.92 5.43
C THR A 205 23.66 -16.45 4.81
N SER A 206 24.72 -15.66 4.82
CA SER A 206 25.99 -16.09 4.24
C SER A 206 27.12 -15.08 4.42
N THR A 207 28.34 -15.59 4.55
CA THR A 207 29.51 -14.75 4.71
C THR A 207 30.11 -14.40 3.35
N SER A 208 29.60 -15.03 2.31
CA SER A 208 30.05 -14.76 0.95
C SER A 208 28.84 -14.28 0.16
N PRO A 209 28.98 -13.15 -0.55
CA PRO A 209 27.90 -12.56 -1.36
C PRO A 209 27.22 -13.50 -2.37
N ILE A 210 25.90 -13.60 -2.28
CA ILE A 210 25.11 -14.42 -3.20
C ILE A 210 25.31 -13.85 -4.60
N VAL A 211 25.91 -14.61 -5.49
CA VAL A 211 26.15 -14.12 -6.84
C VAL A 211 25.22 -14.72 -7.88
N LYS A 212 24.94 -13.93 -8.92
CA LYS A 212 24.08 -14.35 -10.01
C LYS A 212 24.47 -13.52 -11.23
N SER A 213 24.94 -14.18 -12.29
CA SER A 213 25.34 -13.45 -13.49
C SER A 213 25.08 -14.21 -14.77
N PHE A 214 25.25 -13.51 -15.89
CA PHE A 214 25.04 -14.09 -17.22
C PHE A 214 25.99 -13.42 -18.20
N ASN A 215 26.41 -14.17 -19.22
CA ASN A 215 27.27 -13.62 -20.25
C ASN A 215 26.37 -13.27 -21.42
N ARG A 216 26.47 -12.04 -21.92
CA ARG A 216 25.62 -11.62 -23.02
C ARG A 216 25.76 -12.55 -24.23
N ASN A 217 24.66 -12.76 -24.95
CA ASN A 217 24.66 -13.61 -26.14
C ASN A 217 25.29 -14.98 -25.89
N GLU A 218 24.88 -15.62 -24.80
CA GLU A 218 25.39 -16.93 -24.41
C GLU A 218 24.50 -17.60 -23.37
N CYS A 219 24.21 -18.89 -23.57
CA CYS A 219 23.33 -19.67 -22.65
C CYS A 219 23.98 -20.06 -21.33
N GLU B 1 -25.28 -4.95 5.56
CA GLU B 1 -25.54 -3.56 5.09
C GLU B 1 -24.50 -2.54 5.52
N VAL B 2 -24.67 -1.32 5.03
CA VAL B 2 -23.80 -0.19 5.32
C VAL B 2 -22.45 -0.22 4.64
N ASN B 3 -22.33 0.59 3.58
CA ASN B 3 -21.09 0.71 2.85
C ASN B 3 -21.01 2.07 2.19
N LEU B 4 -19.78 2.51 1.91
CA LEU B 4 -19.54 3.81 1.31
C LEU B 4 -18.74 3.67 0.02
N GLN B 5 -19.34 4.10 -1.07
CA GLN B 5 -18.66 4.02 -2.35
C GLN B 5 -18.09 5.39 -2.66
N GLN B 6 -16.78 5.45 -2.89
CA GLN B 6 -16.12 6.70 -3.22
C GLN B 6 -15.75 6.70 -4.70
N SER B 7 -15.74 7.90 -5.31
CA SER B 7 -15.39 8.03 -6.71
C SER B 7 -13.97 7.56 -6.94
N GLY B 8 -13.61 7.33 -8.20
CA GLY B 8 -12.28 6.84 -8.53
C GLY B 8 -11.12 7.82 -8.50
N THR B 9 -9.93 7.30 -8.78
CA THR B 9 -8.69 8.09 -8.79
C THR B 9 -8.82 9.33 -9.63
N VAL B 10 -8.27 10.43 -9.11
CA VAL B 10 -8.31 11.70 -9.80
C VAL B 10 -6.95 12.37 -9.97
N LEU B 11 -6.66 12.74 -11.21
CA LEU B 11 -5.43 13.44 -11.57
C LEU B 11 -5.78 14.91 -11.73
N ALA B 12 -5.17 15.76 -10.90
CA ALA B 12 -5.44 17.19 -10.96
C ALA B 12 -4.19 18.04 -11.14
N ARG B 13 -4.39 19.22 -11.71
CA ARG B 13 -3.28 20.14 -11.95
C ARG B 13 -3.19 21.12 -10.80
N PRO B 14 -1.97 21.59 -10.47
CA PRO B 14 -1.80 22.53 -9.37
C PRO B 14 -2.65 23.76 -9.60
N GLY B 15 -3.20 24.32 -8.52
CA GLY B 15 -4.04 25.50 -8.65
C GLY B 15 -5.48 25.18 -9.02
N ALA B 16 -5.70 24.01 -9.61
CA ALA B 16 -7.04 23.60 -10.01
C ALA B 16 -7.85 23.13 -8.81
N SER B 17 -8.98 22.49 -9.06
CA SER B 17 -9.83 21.97 -7.98
C SER B 17 -10.46 20.64 -8.39
N VAL B 18 -10.80 19.83 -7.41
CA VAL B 18 -11.42 18.55 -7.69
C VAL B 18 -12.63 18.38 -6.78
N ARG B 19 -13.62 17.67 -7.29
CA ARG B 19 -14.83 17.40 -6.54
C ARG B 19 -14.91 15.88 -6.51
N MET B 20 -15.00 15.29 -5.33
CA MET B 20 -15.09 13.85 -5.20
C MET B 20 -16.33 13.49 -4.40
N SER B 21 -16.90 12.30 -4.64
CA SER B 21 -18.13 11.88 -3.95
C SER B 21 -18.02 10.63 -3.07
N CYS B 22 -19.05 10.44 -2.26
CA CYS B 22 -19.15 9.29 -1.35
C CYS B 22 -20.64 8.96 -1.25
N LYS B 23 -21.02 7.80 -1.77
CA LYS B 23 -22.42 7.35 -1.74
C LYS B 23 -22.59 6.33 -0.63
N ALA B 24 -23.56 6.58 0.25
CA ALA B 24 -23.80 5.70 1.39
C ALA B 24 -25.10 4.91 1.33
N SER B 25 -25.14 3.81 2.08
CA SER B 25 -26.33 2.96 2.16
C SER B 25 -26.24 2.01 3.37
N GLY B 26 -27.37 1.73 3.99
CA GLY B 26 -27.36 0.83 5.12
C GLY B 26 -27.80 1.48 6.41
N TYR B 27 -27.75 2.79 6.47
CA TYR B 27 -28.15 3.53 7.66
C TYR B 27 -28.89 4.80 7.20
N SER B 28 -29.45 5.55 8.16
CA SER B 28 -30.18 6.79 7.83
C SER B 28 -29.25 7.95 7.50
N PHE B 29 -28.93 8.08 6.23
CA PHE B 29 -28.05 9.13 5.75
C PHE B 29 -28.28 10.54 6.32
N THR B 30 -29.50 10.85 6.74
CA THR B 30 -29.78 12.19 7.25
C THR B 30 -29.84 12.33 8.76
N SER B 31 -29.36 11.32 9.47
CA SER B 31 -29.39 11.38 10.92
C SER B 31 -28.05 11.28 11.65
N TYR B 32 -26.96 11.21 10.90
CA TYR B 32 -25.63 11.13 11.50
C TYR B 32 -24.66 12.02 10.75
N TRP B 33 -23.57 12.40 11.41
CA TRP B 33 -22.57 13.21 10.74
C TRP B 33 -21.73 12.28 9.90
N LEU B 34 -21.22 12.78 8.78
CA LEU B 34 -20.35 12.00 7.90
C LEU B 34 -19.00 12.71 7.90
N HIS B 35 -17.92 11.95 8.09
CA HIS B 35 -16.58 12.52 8.14
C HIS B 35 -15.76 12.28 6.89
N TRP B 36 -14.74 13.11 6.76
CA TRP B 36 -13.80 13.03 5.68
C TRP B 36 -12.44 13.09 6.37
N ILE B 37 -11.52 12.26 5.90
CA ILE B 37 -10.20 12.14 6.49
C ILE B 37 -9.15 12.06 5.41
N LYS B 38 -7.98 12.64 5.68
CA LYS B 38 -6.89 12.64 4.72
C LYS B 38 -5.75 11.81 5.26
N GLN B 39 -5.06 11.12 4.35
CA GLN B 39 -3.94 10.29 4.72
C GLN B 39 -2.85 10.39 3.65
N ARG B 40 -1.70 10.96 4.01
CA ARG B 40 -0.59 11.08 3.07
C ARG B 40 0.18 9.77 3.05
N PRO B 41 0.90 9.50 1.95
CA PRO B 41 1.67 8.27 1.80
C PRO B 41 2.40 7.83 3.06
N GLY B 42 3.22 8.72 3.60
CA GLY B 42 3.95 8.36 4.80
C GLY B 42 3.14 8.63 6.05
N GLN B 43 2.68 9.87 6.16
CA GLN B 43 1.92 10.34 7.32
C GLN B 43 0.79 9.47 7.86
N GLY B 44 0.19 9.95 8.95
CA GLY B 44 -0.92 9.26 9.59
C GLY B 44 -2.25 9.75 9.05
N LEU B 45 -3.26 9.81 9.91
CA LEU B 45 -4.58 10.26 9.50
C LEU B 45 -4.98 11.61 10.10
N GLU B 46 -5.60 12.46 9.30
CA GLU B 46 -6.06 13.76 9.80
C GLU B 46 -7.48 14.07 9.35
N TRP B 47 -8.31 14.50 10.30
CA TRP B 47 -9.72 14.82 10.08
C TRP B 47 -9.92 16.20 9.40
N ILE B 48 -10.55 16.21 8.23
CA ILE B 48 -10.80 17.46 7.49
C ILE B 48 -12.06 18.18 7.97
N GLY B 49 -13.15 17.42 8.11
CA GLY B 49 -14.40 18.00 8.56
C GLY B 49 -15.53 17.01 8.42
N GLY B 50 -16.75 17.45 8.72
CA GLY B 50 -17.91 16.58 8.63
C GLY B 50 -19.12 17.34 8.17
N ILE B 51 -20.18 16.60 7.82
CA ILE B 51 -21.42 17.20 7.37
C ILE B 51 -22.65 16.44 7.85
N TYR B 52 -23.69 17.16 8.23
CA TYR B 52 -24.92 16.57 8.70
C TYR B 52 -25.94 16.78 7.59
N PRO B 53 -26.09 15.80 6.67
CA PRO B 53 -27.03 15.89 5.55
C PRO B 53 -28.45 16.32 5.91
N GLY B 54 -28.90 15.94 7.10
CA GLY B 54 -30.24 16.30 7.52
C GLY B 54 -30.57 17.77 7.25
N ASN B 55 -29.77 18.66 7.83
CA ASN B 55 -29.97 20.09 7.65
C ASN B 55 -28.78 20.77 6.98
N ARG B 56 -28.00 20.01 6.22
CA ARG B 56 -26.83 20.56 5.52
C ARG B 56 -25.83 21.34 6.37
N ASP B 57 -25.83 21.11 7.68
CA ASP B 57 -24.90 21.79 8.61
C ASP B 57 -23.53 21.16 8.53
N THR B 58 -22.48 21.98 8.40
CA THR B 58 -21.13 21.44 8.31
C THR B 58 -20.21 21.80 9.46
N ARG B 59 -18.96 21.39 9.33
CA ARG B 59 -17.97 21.63 10.38
C ARG B 59 -16.58 21.36 9.80
N TYR B 60 -15.62 22.23 10.10
CA TYR B 60 -14.28 22.08 9.56
C TYR B 60 -13.19 22.39 10.59
N THR B 61 -11.95 22.05 10.27
CA THR B 61 -10.85 22.37 11.17
C THR B 61 -10.18 23.59 10.54
N GLN B 62 -9.57 24.44 11.35
CA GLN B 62 -8.88 25.63 10.83
C GLN B 62 -8.03 25.41 9.59
N ARG B 63 -7.31 24.30 9.54
CA ARG B 63 -6.44 23.99 8.41
C ARG B 63 -7.16 23.89 7.07
N PHE B 64 -8.25 23.12 7.01
CA PHE B 64 -8.99 22.94 5.77
C PHE B 64 -10.13 23.94 5.63
N LYS B 65 -10.17 24.91 6.55
CA LYS B 65 -11.20 25.94 6.59
C LYS B 65 -11.51 26.58 5.24
N ASP B 66 -10.48 26.85 4.45
CA ASP B 66 -10.69 27.48 3.14
C ASP B 66 -10.20 26.58 2.02
N LYS B 67 -9.80 25.37 2.38
CA LYS B 67 -9.28 24.38 1.44
C LYS B 67 -10.35 23.37 1.01
N ALA B 68 -11.36 23.16 1.86
CA ALA B 68 -12.41 22.20 1.55
C ALA B 68 -13.84 22.71 1.67
N LYS B 69 -14.70 22.24 0.77
CA LYS B 69 -16.11 22.62 0.75
C LYS B 69 -16.94 21.35 0.71
N LEU B 70 -17.85 21.21 1.67
CA LEU B 70 -18.67 20.02 1.76
C LEU B 70 -20.14 20.26 1.45
N THR B 71 -20.74 19.33 0.72
CA THR B 71 -22.14 19.40 0.35
C THR B 71 -22.71 17.99 0.36
N ALA B 72 -24.00 17.87 0.08
CA ALA B 72 -24.62 16.55 0.07
C ALA B 72 -26.01 16.59 -0.54
N VAL B 73 -26.28 15.65 -1.45
CA VAL B 73 -27.58 15.54 -2.09
C VAL B 73 -28.27 14.34 -1.43
N THR B 74 -29.14 14.63 -0.47
CA THR B 74 -29.84 13.59 0.29
C THR B 74 -30.81 12.71 -0.51
N SER B 75 -31.28 13.21 -1.64
CA SER B 75 -32.22 12.44 -2.46
C SER B 75 -31.47 11.28 -3.10
N ALA B 76 -30.15 11.30 -2.99
CA ALA B 76 -29.33 10.25 -3.57
C ALA B 76 -28.34 9.67 -2.55
N ASN B 77 -28.52 10.02 -1.28
CA ASN B 77 -27.63 9.55 -0.21
C ASN B 77 -26.17 9.69 -0.58
N THR B 78 -25.82 10.80 -1.23
CA THR B 78 -24.46 11.04 -1.65
C THR B 78 -23.90 12.35 -1.10
N ALA B 79 -22.63 12.31 -0.69
CA ALA B 79 -21.97 13.47 -0.12
C ALA B 79 -20.84 13.89 -1.04
N TYR B 80 -20.43 15.14 -0.96
CA TYR B 80 -19.35 15.63 -1.81
C TYR B 80 -18.29 16.44 -1.04
N MET B 81 -17.06 16.36 -1.53
CA MET B 81 -15.97 17.13 -0.94
C MET B 81 -15.23 17.76 -2.10
N GLU B 82 -14.97 19.06 -1.99
CA GLU B 82 -14.28 19.78 -3.04
C GLU B 82 -13.03 20.40 -2.46
N LEU B 83 -11.91 20.19 -3.13
CA LEU B 83 -10.63 20.75 -2.70
C LEU B 83 -10.25 21.82 -3.72
N SER B 84 -9.98 23.03 -3.21
CA SER B 84 -9.63 24.16 -4.05
C SER B 84 -8.13 24.40 -4.08
N SER B 85 -7.72 25.24 -5.02
CA SER B 85 -6.32 25.62 -5.18
C SER B 85 -5.38 24.50 -4.78
N LEU B 86 -5.28 23.48 -5.63
CA LEU B 86 -4.43 22.34 -5.32
C LEU B 86 -2.93 22.58 -5.37
N THR B 87 -2.21 21.82 -4.54
CA THR B 87 -0.76 21.89 -4.44
C THR B 87 -0.22 20.47 -4.24
N ASN B 88 1.06 20.33 -3.97
CA ASN B 88 1.66 19.03 -3.76
C ASN B 88 1.23 18.41 -2.42
N GLU B 89 0.88 19.27 -1.47
CA GLU B 89 0.45 18.80 -0.17
C GLU B 89 -0.95 18.20 -0.25
N ASP B 90 -1.75 18.64 -1.22
CA ASP B 90 -3.10 18.15 -1.37
C ASP B 90 -3.09 16.73 -1.92
N SER B 91 -1.95 16.33 -2.47
CA SER B 91 -1.84 15.00 -3.03
C SER B 91 -1.83 13.97 -1.92
N ALA B 92 -2.91 13.19 -1.84
CA ALA B 92 -3.06 12.15 -0.82
C ALA B 92 -4.28 11.29 -1.11
N VAL B 93 -4.69 10.45 -0.17
CA VAL B 93 -5.89 9.65 -0.35
C VAL B 93 -6.94 10.17 0.64
N TYR B 94 -8.20 10.23 0.23
CA TYR B 94 -9.24 10.75 1.09
C TYR B 94 -10.33 9.74 1.34
N TYR B 95 -10.76 9.62 2.60
CA TYR B 95 -11.81 8.68 2.96
C TYR B 95 -13.01 9.34 3.59
N CYS B 96 -14.21 8.88 3.23
CA CYS B 96 -15.37 9.39 3.91
C CYS B 96 -15.55 8.29 4.95
N SER B 97 -16.11 8.64 6.09
CA SER B 97 -16.22 7.71 7.19
C SER B 97 -17.43 8.00 8.06
N ILE B 98 -18.00 6.94 8.61
CA ILE B 98 -19.15 7.05 9.48
C ILE B 98 -18.85 6.24 10.73
N ILE B 99 -19.11 6.82 11.89
CA ILE B 99 -18.91 6.15 13.17
C ILE B 99 -20.17 6.43 14.01
N TYR B 100 -20.45 5.54 14.96
CA TYR B 100 -21.60 5.69 15.84
C TYR B 100 -21.46 4.54 16.84
N PHE B 101 -21.53 4.86 18.13
CA PHE B 101 -21.35 3.86 19.19
C PHE B 101 -22.37 3.90 20.34
N ASP B 102 -23.42 4.71 20.24
CA ASP B 102 -24.37 4.79 21.35
C ASP B 102 -25.53 3.79 21.36
N TYR B 103 -25.65 3.00 20.30
CA TYR B 103 -26.70 1.98 20.25
C TYR B 103 -25.92 0.69 20.06
N ALA B 104 -25.93 -0.17 21.08
CA ALA B 104 -25.18 -1.42 21.07
C ALA B 104 -25.56 -2.39 19.98
N ASP B 105 -26.84 -2.47 19.66
CA ASP B 105 -27.29 -3.39 18.63
C ASP B 105 -27.17 -2.81 17.24
N PHE B 106 -26.32 -1.79 17.10
CA PHE B 106 -26.09 -1.15 15.81
C PHE B 106 -24.84 -0.26 15.84
N ILE B 107 -23.67 -0.88 15.94
CA ILE B 107 -22.42 -0.14 15.99
C ILE B 107 -21.87 0.12 14.60
N MET B 108 -21.65 1.39 14.29
CA MET B 108 -21.14 1.79 12.98
C MET B 108 -19.72 2.37 13.00
N ASP B 109 -18.94 1.96 12.01
CA ASP B 109 -17.57 2.42 11.81
C ASP B 109 -17.14 1.82 10.47
N TYR B 110 -17.35 2.58 9.39
CA TYR B 110 -17.00 2.10 8.06
C TYR B 110 -16.30 3.19 7.28
N TRP B 111 -15.53 2.78 6.29
CA TRP B 111 -14.75 3.68 5.47
C TRP B 111 -14.90 3.38 3.99
N GLY B 112 -14.93 4.42 3.16
CA GLY B 112 -15.01 4.19 1.73
C GLY B 112 -13.67 3.59 1.35
N GLN B 113 -13.45 3.27 0.06
CA GLN B 113 -12.16 2.70 -0.35
C GLN B 113 -11.15 3.81 -0.30
N GLY B 114 -11.65 5.04 -0.31
CA GLY B 114 -10.78 6.19 -0.28
C GLY B 114 -10.54 6.64 -1.71
N THR B 115 -10.32 7.92 -1.90
CA THR B 115 -10.09 8.47 -3.22
C THR B 115 -8.67 9.04 -3.27
N THR B 116 -7.83 8.45 -4.11
CA THR B 116 -6.45 8.87 -4.23
C THR B 116 -6.35 10.00 -5.25
N VAL B 117 -5.82 11.12 -4.80
CA VAL B 117 -5.67 12.30 -5.63
C VAL B 117 -4.21 12.53 -5.95
N THR B 118 -3.93 12.83 -7.21
CA THR B 118 -2.57 13.09 -7.61
C THR B 118 -2.51 14.48 -8.24
N VAL B 119 -1.80 15.39 -7.59
CA VAL B 119 -1.64 16.74 -8.10
C VAL B 119 -0.32 16.83 -8.83
N SER B 120 -0.42 16.92 -10.16
CA SER B 120 0.75 17.01 -10.99
C SER B 120 0.42 17.74 -12.30
N SER B 121 1.48 18.21 -12.95
CA SER B 121 1.38 18.92 -14.21
C SER B 121 1.85 17.96 -15.31
N ALA B 122 2.24 16.77 -14.88
CA ALA B 122 2.72 15.73 -15.81
C ALA B 122 1.56 15.25 -16.67
N LYS B 123 1.91 14.60 -17.77
CA LYS B 123 0.92 14.10 -18.73
C LYS B 123 0.83 12.57 -18.77
N THR B 124 -0.40 12.09 -18.90
CA THR B 124 -0.67 10.66 -18.97
C THR B 124 0.21 9.97 -20.01
N THR B 125 0.75 8.81 -19.67
CA THR B 125 1.63 8.08 -20.57
C THR B 125 1.39 6.58 -20.48
N ALA B 126 0.97 5.98 -21.59
CA ALA B 126 0.72 4.55 -21.62
C ALA B 126 2.01 3.82 -21.25
N PRO B 127 1.90 2.71 -20.51
CA PRO B 127 3.06 1.93 -20.09
C PRO B 127 3.62 1.02 -21.18
N SER B 128 4.91 0.75 -21.10
CA SER B 128 5.56 -0.17 -22.03
C SER B 128 5.73 -1.43 -21.21
N VAL B 129 5.08 -2.51 -21.64
CA VAL B 129 5.16 -3.77 -20.94
C VAL B 129 6.18 -4.68 -21.64
N TYR B 130 7.18 -5.14 -20.88
CA TYR B 130 8.22 -6.02 -21.42
C TYR B 130 8.28 -7.34 -20.67
N PRO B 131 8.23 -8.47 -21.40
CA PRO B 131 8.29 -9.81 -20.79
C PRO B 131 9.69 -10.15 -20.26
N LEU B 132 9.76 -10.79 -19.10
CA LEU B 132 11.06 -11.16 -18.51
C LEU B 132 11.16 -12.68 -18.48
N ALA B 133 11.96 -13.24 -19.38
CA ALA B 133 12.13 -14.68 -19.43
C ALA B 133 13.58 -15.09 -19.29
N PRO B 134 13.82 -16.28 -18.71
CA PRO B 134 15.19 -16.76 -18.57
C PRO B 134 15.67 -17.13 -19.97
N VAL B 135 16.94 -16.92 -20.26
CA VAL B 135 17.48 -17.25 -21.57
C VAL B 135 17.85 -18.72 -21.65
N CYS B 136 17.50 -19.35 -22.77
CA CYS B 136 17.78 -20.76 -22.99
C CYS B 136 17.06 -21.69 -22.01
N GLY B 137 17.44 -22.95 -22.00
CA GLY B 137 16.79 -23.92 -21.13
C GLY B 137 17.28 -24.08 -19.70
N ASP B 138 18.42 -23.47 -19.37
CA ASP B 138 18.99 -23.55 -18.03
C ASP B 138 17.94 -23.31 -16.94
N THR B 139 18.12 -23.91 -15.77
CA THR B 139 17.15 -23.71 -14.69
C THR B 139 17.81 -23.75 -13.31
N THR B 140 17.16 -23.12 -12.33
CA THR B 140 17.67 -23.08 -10.98
C THR B 140 17.43 -24.43 -10.31
N GLY B 141 16.69 -25.30 -10.98
CA GLY B 141 16.40 -26.61 -10.45
C GLY B 141 15.04 -27.13 -10.85
N SER B 142 14.08 -27.07 -9.93
CA SER B 142 12.74 -27.55 -10.20
C SER B 142 11.80 -26.38 -10.45
N SER B 143 12.18 -25.21 -9.95
CA SER B 143 11.37 -24.02 -10.13
C SER B 143 12.02 -23.03 -11.07
N VAL B 144 11.20 -22.29 -11.79
CA VAL B 144 11.68 -21.25 -12.70
C VAL B 144 10.92 -19.96 -12.37
N THR B 145 11.59 -18.84 -12.50
CA THR B 145 10.95 -17.56 -12.21
C THR B 145 10.85 -16.75 -13.46
N LEU B 146 9.64 -16.24 -13.71
CA LEU B 146 9.35 -15.40 -14.87
C LEU B 146 9.02 -13.99 -14.37
N GLY B 147 9.10 -13.02 -15.27
CA GLY B 147 8.83 -11.66 -14.85
C GLY B 147 8.16 -10.78 -15.86
N CYS B 148 7.65 -9.65 -15.37
CA CYS B 148 6.97 -8.70 -16.23
C CYS B 148 7.37 -7.28 -15.83
N LEU B 149 8.01 -6.57 -16.74
CA LEU B 149 8.43 -5.20 -16.47
C LEU B 149 7.41 -4.24 -17.10
N VAL B 150 6.95 -3.28 -16.31
CA VAL B 150 5.97 -2.27 -16.73
C VAL B 150 6.50 -0.86 -16.43
N LYS B 151 7.16 -0.21 -17.39
CA LYS B 151 7.72 1.12 -17.12
C LYS B 151 7.30 2.28 -17.99
N GLY B 152 7.56 3.48 -17.48
CA GLY B 152 7.24 4.72 -18.18
C GLY B 152 5.75 5.01 -18.29
N TYR B 153 5.03 4.95 -17.17
CA TYR B 153 3.60 5.22 -17.19
C TYR B 153 3.27 6.27 -16.12
N PHE B 154 2.19 7.02 -16.35
CA PHE B 154 1.71 8.06 -15.43
C PHE B 154 0.27 8.43 -15.83
N PRO B 155 -0.61 8.64 -14.85
CA PRO B 155 -0.37 8.55 -13.41
C PRO B 155 -0.66 7.09 -13.06
N GLU B 156 -0.78 6.77 -11.79
CA GLU B 156 -1.10 5.39 -11.47
C GLU B 156 -2.52 5.38 -10.92
N PRO B 157 -3.00 4.22 -10.44
CA PRO B 157 -2.44 2.88 -10.33
C PRO B 157 -2.50 2.04 -11.59
N VAL B 158 -1.75 0.94 -11.58
CA VAL B 158 -1.72 -0.02 -12.67
C VAL B 158 -2.26 -1.33 -12.09
N THR B 159 -2.88 -2.15 -12.93
CA THR B 159 -3.44 -3.41 -12.44
C THR B 159 -2.79 -4.61 -13.13
N LEU B 160 -1.73 -5.12 -12.51
CA LEU B 160 -0.98 -6.27 -13.00
C LEU B 160 -1.70 -7.53 -12.51
N THR B 161 -1.59 -8.62 -13.24
CA THR B 161 -2.23 -9.88 -12.86
C THR B 161 -1.62 -10.98 -13.72
N TRP B 162 -1.74 -12.23 -13.30
CA TRP B 162 -1.20 -13.31 -14.12
C TRP B 162 -2.29 -14.28 -14.58
N ASN B 163 -2.21 -14.68 -15.84
CA ASN B 163 -3.21 -15.56 -16.41
C ASN B 163 -4.60 -15.22 -15.86
N SER B 164 -5.01 -13.98 -16.11
CA SER B 164 -6.30 -13.46 -15.70
C SER B 164 -6.57 -13.66 -14.22
N GLY B 165 -5.52 -13.67 -13.41
CA GLY B 165 -5.70 -13.84 -11.97
C GLY B 165 -5.88 -15.27 -11.53
N SER B 166 -5.70 -16.22 -12.45
CA SER B 166 -5.84 -17.63 -12.14
C SER B 166 -4.56 -18.15 -11.50
N LEU B 167 -3.50 -17.39 -11.65
CA LEU B 167 -2.20 -17.75 -11.10
C LEU B 167 -1.84 -16.68 -10.08
N SER B 168 -2.00 -16.97 -8.78
CA SER B 168 -1.69 -15.97 -7.78
C SER B 168 -0.68 -16.41 -6.72
N SER B 169 -0.38 -17.69 -6.66
CA SER B 169 0.58 -18.17 -5.69
C SER B 169 1.96 -18.04 -6.32
N GLY B 170 2.94 -17.60 -5.53
CA GLY B 170 4.29 -17.46 -6.05
C GLY B 170 4.48 -16.18 -6.84
N VAL B 171 3.66 -15.16 -6.55
CA VAL B 171 3.78 -13.89 -7.26
C VAL B 171 4.22 -12.74 -6.36
N HIS B 172 5.09 -11.88 -6.90
CA HIS B 172 5.57 -10.72 -6.17
C HIS B 172 5.44 -9.46 -7.04
N THR B 173 4.50 -8.59 -6.67
CA THR B 173 4.29 -7.35 -7.40
C THR B 173 4.93 -6.25 -6.58
N PHE B 174 6.04 -5.71 -7.07
CA PHE B 174 6.76 -4.67 -6.36
C PHE B 174 6.15 -3.29 -6.53
N PRO B 175 6.16 -2.48 -5.47
CA PRO B 175 5.60 -1.13 -5.53
C PRO B 175 6.27 -0.33 -6.63
N ALA B 176 5.52 0.58 -7.24
CA ALA B 176 6.06 1.40 -8.31
C ALA B 176 6.97 2.49 -7.77
N VAL B 177 8.10 2.69 -8.44
CA VAL B 177 9.05 3.73 -8.05
C VAL B 177 8.85 4.84 -9.08
N LEU B 178 9.29 6.06 -8.76
CA LEU B 178 9.11 7.18 -9.69
C LEU B 178 10.42 7.80 -10.18
N GLN B 179 10.66 7.76 -11.48
CA GLN B 179 11.87 8.34 -12.06
C GLN B 179 11.53 9.56 -12.93
N SER B 180 11.58 10.73 -12.32
CA SER B 180 11.28 11.99 -13.01
C SER B 180 10.01 11.95 -13.86
N ASP B 181 8.86 11.98 -13.18
CA ASP B 181 7.55 11.99 -13.82
C ASP B 181 7.12 10.69 -14.48
N LEU B 182 7.81 9.60 -14.18
CA LEU B 182 7.44 8.32 -14.77
C LEU B 182 7.56 7.16 -13.81
N TYR B 183 6.57 6.27 -13.84
CA TYR B 183 6.54 5.11 -12.98
C TYR B 183 7.00 3.83 -13.63
N THR B 184 7.72 3.02 -12.86
CA THR B 184 8.16 1.72 -13.34
C THR B 184 7.67 0.68 -12.33
N LEU B 185 7.06 -0.37 -12.86
CA LEU B 185 6.51 -1.44 -12.05
C LEU B 185 7.10 -2.75 -12.56
N SER B 186 7.19 -3.75 -11.70
CA SER B 186 7.70 -5.05 -12.12
C SER B 186 7.00 -6.08 -11.26
N SER B 187 6.85 -7.28 -11.81
CA SER B 187 6.20 -8.35 -11.10
C SER B 187 6.88 -9.66 -11.50
N SER B 188 6.94 -10.58 -10.56
CA SER B 188 7.58 -11.87 -10.79
C SER B 188 6.68 -13.00 -10.32
N VAL B 189 6.68 -14.06 -11.11
CA VAL B 189 5.89 -15.24 -10.79
C VAL B 189 6.86 -16.43 -10.81
N THR B 190 6.68 -17.35 -9.86
CA THR B 190 7.54 -18.52 -9.78
C THR B 190 6.73 -19.79 -9.91
N VAL B 191 7.04 -20.58 -10.93
CA VAL B 191 6.35 -21.86 -11.16
C VAL B 191 7.33 -23.00 -11.44
N THR B 192 6.81 -24.23 -11.40
CA THR B 192 7.63 -25.43 -11.65
C THR B 192 8.07 -25.52 -13.11
N SER B 193 9.31 -25.91 -13.33
CA SER B 193 9.84 -26.01 -14.69
C SER B 193 9.05 -26.94 -15.61
N SER B 194 8.08 -27.64 -15.05
CA SER B 194 7.26 -28.56 -15.83
C SER B 194 6.13 -27.77 -16.52
N THR B 195 5.49 -26.88 -15.76
CA THR B 195 4.40 -26.10 -16.28
C THR B 195 4.77 -25.15 -17.41
N TRP B 196 5.92 -24.48 -17.32
CA TRP B 196 6.33 -23.53 -18.35
C TRP B 196 7.54 -24.02 -19.17
N PRO B 197 7.54 -23.79 -20.50
CA PRO B 197 6.57 -23.14 -21.39
C PRO B 197 5.48 -24.08 -21.91
N SER B 198 5.37 -25.26 -21.30
CA SER B 198 4.40 -26.27 -21.72
C SER B 198 2.99 -25.73 -21.51
N GLN B 199 2.86 -24.82 -20.56
CA GLN B 199 1.58 -24.20 -20.24
C GLN B 199 1.81 -22.70 -20.23
N SER B 200 1.01 -21.98 -21.01
CA SER B 200 1.12 -20.54 -21.13
C SER B 200 1.11 -19.73 -19.84
N ILE B 201 1.97 -18.72 -19.82
CA ILE B 201 2.05 -17.80 -18.69
C ILE B 201 1.91 -16.43 -19.35
N THR B 202 0.90 -15.69 -18.95
CA THR B 202 0.70 -14.38 -19.56
C THR B 202 0.56 -13.31 -18.52
N CYS B 203 1.15 -12.16 -18.83
CA CYS B 203 1.11 -11.01 -17.95
C CYS B 203 -0.01 -10.10 -18.49
N ASN B 204 -0.95 -9.72 -17.62
CA ASN B 204 -2.08 -8.89 -18.01
C ASN B 204 -2.02 -7.51 -17.38
N VAL B 205 -1.59 -6.51 -18.16
CA VAL B 205 -1.48 -5.14 -17.67
C VAL B 205 -2.60 -4.22 -18.16
N ALA B 206 -3.12 -3.42 -17.25
CA ALA B 206 -4.19 -2.47 -17.55
C ALA B 206 -3.87 -1.11 -16.93
N HIS B 207 -4.05 -0.07 -17.74
CA HIS B 207 -3.78 1.30 -17.28
C HIS B 207 -4.98 2.13 -17.70
N PRO B 208 -6.04 2.14 -16.86
CA PRO B 208 -7.26 2.89 -17.14
C PRO B 208 -7.08 4.40 -17.37
N ALA B 209 -6.04 4.98 -16.78
CA ALA B 209 -5.78 6.41 -16.93
C ALA B 209 -5.44 6.73 -18.38
N SER B 210 -5.31 5.68 -19.19
CA SER B 210 -4.98 5.85 -20.61
C SER B 210 -5.62 4.72 -21.42
N SER B 211 -6.59 4.05 -20.81
CA SER B 211 -7.31 2.93 -21.42
C SER B 211 -6.43 1.90 -22.15
N THR B 212 -5.20 1.73 -21.67
CA THR B 212 -4.26 0.76 -22.23
C THR B 212 -4.58 -0.61 -21.62
N LYS B 213 -4.50 -1.66 -22.42
CA LYS B 213 -4.79 -2.99 -21.94
C LYS B 213 -3.95 -4.03 -22.67
N VAL B 214 -2.80 -4.37 -22.09
CA VAL B 214 -1.88 -5.33 -22.70
C VAL B 214 -1.88 -6.73 -22.09
N ASP B 215 -1.63 -7.72 -22.93
CA ASP B 215 -1.54 -9.11 -22.50
C ASP B 215 -0.27 -9.69 -23.09
N LYS B 216 0.84 -9.51 -22.39
CA LYS B 216 2.10 -10.02 -22.90
C LYS B 216 2.29 -11.49 -22.52
N LYS B 217 2.78 -12.28 -23.48
CA LYS B 217 3.00 -13.69 -23.28
C LYS B 217 4.49 -13.94 -23.03
N ILE B 218 4.81 -14.62 -21.94
CA ILE B 218 6.21 -14.91 -21.64
C ILE B 218 6.63 -16.11 -22.49
N GLU B 219 7.27 -15.84 -23.62
CA GLU B 219 7.73 -16.88 -24.51
C GLU B 219 9.16 -17.25 -24.15
N PRO B 220 9.61 -18.46 -24.50
CA PRO B 220 10.99 -18.87 -24.20
C PRO B 220 11.84 -18.14 -25.25
N ARG B 221 13.13 -17.98 -25.00
CA ARG B 221 13.99 -17.26 -25.95
C ARG B 221 15.44 -17.72 -25.96
N GLY B 222 16.22 -17.17 -26.89
CA GLY B 222 17.63 -17.55 -27.01
C GLY B 222 18.56 -16.51 -26.40
N PRO B 223 19.89 -16.68 -26.50
CA PRO B 223 20.89 -15.76 -25.96
C PRO B 223 20.80 -14.37 -26.56
N THR B 224 20.62 -13.39 -25.64
CA THR B 224 20.51 -11.90 -25.84
C THR B 224 19.97 -11.26 -27.13
N1 THC C 1 -30.23 14.94 20.74
CN THC C 1 -30.82 13.81 20.39
ON THC C 1 -30.53 13.20 19.36
CM THC C 1 -31.90 13.30 21.33
CA THC C 1 -29.17 15.55 19.94
CB THC C 1 -28.92 16.99 20.43
OG1 THC C 1 -30.04 17.81 20.04
CG2 THC C 1 -27.63 17.55 19.86
C THC C 1 -27.87 14.77 20.01
O THC C 1 -27.63 14.05 20.99
N LYS C 2 -27.04 14.89 18.99
CA LYS C 2 -25.76 14.19 18.97
C LYS C 2 -24.59 15.07 18.49
N ASP C 3 -23.38 14.75 18.93
CA ASP C 3 -22.15 15.48 18.56
C ASP C 3 -21.88 15.47 17.07
N THR C 4 -20.69 15.96 16.72
CA THR C 4 -20.19 15.99 15.36
C THR C 4 -19.61 14.58 15.16
N ASN C 5 -19.45 13.87 16.27
CA ASN C 5 -18.94 12.51 16.24
C ASN C 5 -20.08 11.54 16.49
N ASN C 6 -21.30 12.06 16.47
CA ASN C 6 -22.50 11.27 16.68
C ASN C 6 -22.70 10.70 18.07
N ASN C 7 -22.15 11.36 19.09
CA ASN C 7 -22.34 10.91 20.48
C ASN C 7 -23.54 11.69 21.05
N LEU C 8 -24.29 11.09 21.98
CA LEU C 8 -25.42 11.80 22.54
C LEU C 8 -24.99 12.92 23.48
C1 CYF C 9 -22.71 25.11 15.80
O1 CYF C 9 -23.34 25.82 14.99
C2 CYF C 9 -21.31 25.00 15.64
C3 CYF C 9 -20.54 24.18 16.49
O2 CYF C 9 -19.11 24.14 16.23
C4 CYF C 9 -18.32 23.29 17.09
C5 CYF C 9 -16.92 23.26 16.87
C6 CYF C 9 -16.08 22.48 17.68
O3 CYF C 9 -14.84 22.54 17.58
C7 CYF C 9 -16.66 21.69 18.71
C8 CYF C 9 -18.06 21.72 18.94
C9 CYF C 9 -18.91 22.52 18.14
C10 CYF C 9 -20.34 22.60 18.35
C11 CYF C 9 -21.16 23.43 17.52
C12 CYF C 9 -22.58 23.54 17.69
C13 CYF C 9 -23.34 24.38 16.84
C14 CYF C 9 -21.00 21.81 19.36
C15 CYF C 9 -21.64 22.48 20.42
C16 CYF C 9 -22.29 21.76 21.42
C17 CYF C 9 -22.31 20.35 21.40
C18 CYF C 9 -21.68 19.68 20.36
C19 CYF C 9 -21.02 20.36 19.33
C20 CYF C 9 -20.45 19.60 18.28
O4 CYF C 9 -20.27 20.03 17.11
O5 CYF C 9 -20.03 18.42 18.45
NL CYF C 9 -22.93 19.71 22.38
CL CYF C 9 -23.88 18.82 22.64
OL CYF C 9 -24.47 18.17 21.77
CAL CYF C 9 -24.09 18.53 24.09
SG CYF C 9 -22.99 17.20 24.51
CB CYF C 9 -23.67 15.88 23.46
CA CYF C 9 -25.00 15.28 23.95
N CYF C 9 -25.36 14.15 23.13
O CYF C 9 -26.40 16.84 22.81
C CYF C 9 -26.09 16.32 23.88
NT CYF C 9 -26.69 16.63 25.03
CD CD D . -14.12 18.95 24.12
#